data_3KQY
#
_entry.id   3KQY
#
_cell.length_a   94.525
_cell.length_b   94.525
_cell.length_c   188.270
_cell.angle_alpha   90.000
_cell.angle_beta   90.000
_cell.angle_gamma   90.000
#
_symmetry.space_group_name_H-M   'P 43 21 2'
#
loop_
_entity.id
_entity.type
_entity.pdbx_description
1 polymer 'Phenylethanolamine N-methyltransferase'
2 non-polymer S-ADENOSYL-L-HOMOCYSTEINE
3 non-polymer 2-amino-1H-benzimidazol-7-ol
4 water water
#
_entity_poly.entity_id   1
_entity_poly.type   'polypeptide(L)'
_entity_poly.pdbx_seq_one_letter_code
;MSGADRSPNAGAAPDSAPGQAAVASAYQRFEPRAYLRNNYAPPRGDLCNPNGVGPWKLRCLAQTFATGEVSGRTLIDIGS
GPTVYQLLSACSHFEDITMTDFLEVNRQELGRWLQEEPGAFNWSMYSQHACLIEGKGECWQDKERQLRARVKRVLPIDVH
QPQPLGAGSPAPLPADALVSAFCLEAVSPDLASFQRALDHITTLLRPGGHLLLIGALEESWYLAGEARLTVVPVSEEEVR
EALVRSGYKVRDLRTYIMPAHLQTGVDDVKGVFFAWAQKVGLEHHHHHH
;
_entity_poly.pdbx_strand_id   A,B
#
# COMPACT_ATOMS: atom_id res chain seq x y z
N ALA A 24 -28.53 19.13 20.14
CA ALA A 24 -27.20 19.65 20.40
C ALA A 24 -26.60 19.05 21.68
N SER A 25 -27.26 19.29 22.81
CA SER A 25 -26.79 18.76 24.09
C SER A 25 -26.60 17.25 24.02
N ALA A 26 -27.20 16.62 23.00
CA ALA A 26 -27.02 15.20 22.75
C ALA A 26 -25.54 14.90 22.46
N TYR A 27 -24.87 15.84 21.81
CA TYR A 27 -23.46 15.67 21.45
C TYR A 27 -22.56 15.61 22.68
N GLN A 28 -23.11 15.84 23.86
CA GLN A 28 -22.32 15.76 25.08
C GLN A 28 -22.17 14.31 25.53
N ARG A 29 -22.91 13.41 24.87
CA ARG A 29 -22.79 11.97 25.12
C ARG A 29 -21.98 11.26 24.01
N PHE A 30 -21.68 12.00 22.95
CA PHE A 30 -20.93 11.49 21.79
C PHE A 30 -19.62 10.80 22.17
N GLU A 31 -19.52 9.50 21.89
CA GLU A 31 -18.27 8.75 22.12
C GLU A 31 -17.47 8.58 20.82
N PRO A 32 -16.33 9.27 20.70
CA PRO A 32 -15.49 9.18 19.50
C PRO A 32 -15.12 7.74 19.10
N ARG A 33 -14.68 6.92 20.06
CA ARG A 33 -14.32 5.54 19.73
C ARG A 33 -15.48 4.74 19.13
N ALA A 34 -16.68 4.92 19.69
CA ALA A 34 -17.85 4.22 19.16
C ALA A 34 -18.21 4.74 17.77
N TYR A 35 -18.01 6.03 17.55
CA TYR A 35 -18.31 6.62 16.24
C TYR A 35 -17.35 6.09 15.18
N LEU A 36 -16.07 6.09 15.49
CA LEU A 36 -15.04 5.50 14.62
C LEU A 36 -15.38 4.06 14.29
N ARG A 37 -15.60 3.26 15.34
CA ARG A 37 -15.98 1.86 15.19
C ARG A 37 -17.18 1.67 14.25
N ASN A 38 -18.20 2.53 14.39
CA ASN A 38 -19.45 2.38 13.64
C ASN A 38 -19.33 2.70 12.16
N ASN A 39 -18.44 3.63 11.84
CA ASN A 39 -18.38 4.17 10.49
C ASN A 39 -17.07 3.94 9.75
N TYR A 40 -16.01 3.64 10.49
CA TYR A 40 -14.69 3.55 9.87
C TYR A 40 -13.93 2.26 10.21
N ALA A 41 -14.65 1.31 10.79
CA ALA A 41 -14.18 -0.04 10.94
C ALA A 41 -15.08 -0.89 10.04
N PRO A 42 -14.63 -2.10 9.67
CA PRO A 42 -15.47 -2.94 8.82
C PRO A 42 -16.88 -3.07 9.38
N PRO A 43 -17.90 -3.23 8.52
CA PRO A 43 -17.79 -3.35 7.06
C PRO A 43 -17.55 -2.04 6.31
N ARG A 44 -18.08 -0.93 6.82
CA ARG A 44 -17.99 0.34 6.11
C ARG A 44 -16.54 0.76 5.94
N GLY A 45 -15.70 0.30 6.86
CA GLY A 45 -14.29 0.62 6.84
C GLY A 45 -13.42 -0.34 6.03
N ASP A 46 -13.99 -1.42 5.51
CA ASP A 46 -13.23 -2.29 4.62
C ASP A 46 -13.09 -1.63 3.25
N LEU A 47 -11.86 -1.27 2.89
CA LEU A 47 -11.61 -0.58 1.64
C LEU A 47 -11.26 -1.50 0.46
N CYS A 48 -11.22 -2.80 0.69
CA CYS A 48 -10.86 -3.72 -0.39
C CYS A 48 -11.83 -3.67 -1.57
N ASN A 49 -13.13 -3.83 -1.30
CA ASN A 49 -14.14 -3.70 -2.36
C ASN A 49 -14.20 -2.27 -2.87
N PRO A 50 -14.02 -2.07 -4.18
CA PRO A 50 -14.01 -0.70 -4.72
C PRO A 50 -15.41 -0.09 -4.70
N ASN A 51 -16.43 -0.94 -4.65
CA ASN A 51 -17.82 -0.50 -4.66
C ASN A 51 -18.34 -0.03 -3.30
N GLY A 52 -17.47 -0.05 -2.28
CA GLY A 52 -17.84 0.40 -0.95
C GLY A 52 -17.87 1.92 -0.85
N VAL A 53 -18.35 2.43 0.28
CA VAL A 53 -18.51 3.89 0.45
C VAL A 53 -17.19 4.58 0.74
N GLY A 54 -16.34 3.92 1.54
CA GLY A 54 -15.01 4.44 1.82
C GLY A 54 -14.22 4.77 0.57
N PRO A 55 -14.05 3.76 -0.32
CA PRO A 55 -13.38 4.01 -1.59
C PRO A 55 -14.07 5.07 -2.44
N TRP A 56 -15.40 5.01 -2.50
CA TRP A 56 -16.17 6.03 -3.22
C TRP A 56 -15.82 7.45 -2.73
N LYS A 57 -15.83 7.65 -1.42
CA LYS A 57 -15.51 8.96 -0.87
C LYS A 57 -14.11 9.43 -1.23
N LEU A 58 -13.11 8.57 -0.96
CA LEU A 58 -11.72 8.92 -1.25
C LEU A 58 -11.54 9.29 -2.72
N ARG A 59 -12.30 8.63 -3.58
CA ARG A 59 -12.24 8.86 -5.01
C ARG A 59 -12.77 10.25 -5.38
N CYS A 60 -13.85 10.68 -4.76
CA CYS A 60 -14.39 12.01 -5.02
C CYS A 60 -13.38 13.05 -4.61
N LEU A 61 -12.82 12.87 -3.42
CA LEU A 61 -11.78 13.76 -2.92
C LEU A 61 -10.61 13.78 -3.90
N ALA A 62 -10.04 12.60 -4.16
CA ALA A 62 -8.86 12.48 -5.02
C ALA A 62 -9.06 13.09 -6.40
N GLN A 63 -10.14 12.70 -7.07
CA GLN A 63 -10.39 13.18 -8.41
C GLN A 63 -10.51 14.69 -8.46
N THR A 64 -11.13 15.28 -7.43
CA THR A 64 -11.33 16.73 -7.39
C THR A 64 -10.00 17.48 -7.33
N PHE A 65 -9.18 17.15 -6.34
CA PHE A 65 -7.87 17.77 -6.21
C PHE A 65 -6.97 17.49 -7.42
N ALA A 66 -7.10 16.32 -8.02
CA ALA A 66 -6.29 15.98 -9.19
C ALA A 66 -6.52 16.94 -10.35
N THR A 67 -7.70 17.57 -10.36
CA THR A 67 -8.02 18.54 -11.42
C THR A 67 -7.12 19.77 -11.36
N GLY A 68 -6.50 19.98 -10.20
CA GLY A 68 -5.57 21.09 -10.03
C GLY A 68 -6.25 22.44 -9.89
N GLU A 69 -7.57 22.44 -9.80
CA GLU A 69 -8.32 23.70 -9.75
C GLU A 69 -8.63 24.13 -8.31
N VAL A 70 -8.40 23.22 -7.37
CA VAL A 70 -8.63 23.51 -5.96
C VAL A 70 -7.31 23.66 -5.22
N SER A 71 -6.77 24.88 -5.22
CA SER A 71 -5.44 25.12 -4.71
C SER A 71 -5.33 26.42 -3.91
N GLY A 72 -4.25 26.52 -3.13
CA GLY A 72 -4.01 27.69 -2.32
C GLY A 72 -3.06 27.36 -1.18
N ARG A 73 -3.02 28.23 -0.18
CA ARG A 73 -2.07 28.06 0.92
C ARG A 73 -2.73 27.52 2.19
N THR A 74 -3.98 27.90 2.41
CA THR A 74 -4.65 27.55 3.66
C THR A 74 -6.02 26.90 3.45
N LEU A 75 -6.36 25.99 4.36
CA LEU A 75 -7.58 25.22 4.23
C LEU A 75 -8.13 24.90 5.62
N ILE A 76 -9.45 24.87 5.73
CA ILE A 76 -10.08 24.53 7.00
C ILE A 76 -11.03 23.35 6.87
N ASP A 77 -10.92 22.42 7.80
CA ASP A 77 -11.82 21.28 7.86
C ASP A 77 -12.89 21.57 8.92
N ILE A 78 -14.15 21.66 8.50
CA ILE A 78 -15.25 22.02 9.38
C ILE A 78 -15.87 20.80 10.04
N GLY A 79 -15.78 20.71 11.35
CA GLY A 79 -16.39 19.61 12.08
C GLY A 79 -15.68 18.31 11.78
N SER A 80 -14.36 18.31 11.95
CA SER A 80 -13.51 17.16 11.67
C SER A 80 -13.93 15.91 12.42
N GLY A 81 -14.41 16.09 13.65
CA GLY A 81 -14.65 14.95 14.52
C GLY A 81 -13.32 14.29 14.84
N PRO A 82 -13.31 12.95 14.95
CA PRO A 82 -12.07 12.22 15.22
C PRO A 82 -11.53 11.63 13.95
N THR A 83 -11.82 12.22 12.79
CA THR A 83 -11.41 11.61 11.53
C THR A 83 -10.46 12.47 10.71
N VAL A 84 -9.66 11.82 9.85
CA VAL A 84 -8.66 12.50 9.06
C VAL A 84 -8.71 12.14 7.57
N TYR A 85 -9.39 11.05 7.24
CA TYR A 85 -9.45 10.58 5.86
C TYR A 85 -9.81 11.71 4.91
N GLN A 86 -10.66 12.64 5.38
CA GLN A 86 -11.17 13.71 4.53
C GLN A 86 -10.09 14.67 4.06
N LEU A 87 -8.91 14.62 4.69
CA LEU A 87 -7.81 15.50 4.30
C LEU A 87 -6.67 14.77 3.55
N LEU A 88 -6.81 13.46 3.38
CA LEU A 88 -5.73 12.66 2.80
C LEU A 88 -5.23 13.18 1.45
N SER A 89 -6.13 13.37 0.50
CA SER A 89 -5.73 13.93 -0.78
C SER A 89 -5.53 15.45 -0.70
N ALA A 90 -6.22 16.09 0.23
CA ALA A 90 -6.19 17.55 0.31
C ALA A 90 -4.83 18.07 0.76
N CYS A 91 -4.18 17.34 1.67
CA CYS A 91 -2.98 17.84 2.32
C CYS A 91 -1.80 18.15 1.39
N SER A 92 -1.81 17.60 0.18
CA SER A 92 -0.69 17.86 -0.73
C SER A 92 -0.88 19.13 -1.55
N HIS A 93 -2.01 19.82 -1.32
CA HIS A 93 -2.31 21.06 -2.04
C HIS A 93 -2.38 22.29 -1.14
N PHE A 94 -2.18 22.11 0.16
CA PHE A 94 -2.34 23.22 1.10
C PHE A 94 -1.36 23.13 2.27
N GLU A 95 -0.44 24.10 2.34
CA GLU A 95 0.62 24.05 3.33
C GLU A 95 0.16 24.36 4.76
N ASP A 96 -0.97 25.07 4.88
CA ASP A 96 -1.51 25.40 6.20
C ASP A 96 -2.91 24.83 6.34
N ILE A 97 -3.04 23.83 7.20
CA ILE A 97 -4.32 23.17 7.38
C ILE A 97 -4.82 23.33 8.81
N THR A 98 -6.08 23.75 8.94
CA THR A 98 -6.72 23.90 10.24
C THR A 98 -7.84 22.88 10.35
N MET A 99 -7.82 22.11 11.42
CA MET A 99 -8.89 21.15 11.67
C MET A 99 -9.75 21.67 12.82
N THR A 100 -11.01 21.29 12.85
CA THR A 100 -11.92 21.83 13.85
C THR A 100 -12.91 20.79 14.37
N ASP A 101 -13.39 20.98 15.59
CA ASP A 101 -14.59 20.29 16.05
C ASP A 101 -15.20 20.91 17.29
N PHE A 102 -16.51 20.77 17.41
CA PHE A 102 -17.27 21.33 18.51
C PHE A 102 -16.90 20.66 19.83
N LEU A 103 -16.59 19.36 19.79
CA LEU A 103 -16.30 18.60 21.00
C LEU A 103 -14.80 18.53 21.35
N GLU A 104 -14.51 18.75 22.63
CA GLU A 104 -13.15 18.61 23.15
C GLU A 104 -12.64 17.18 22.99
N VAL A 105 -13.52 16.21 23.23
CA VAL A 105 -13.13 14.81 23.14
C VAL A 105 -12.65 14.40 21.74
N ASN A 106 -13.25 15.00 20.71
CA ASN A 106 -12.82 14.76 19.34
C ASN A 106 -11.50 15.41 19.04
N ARG A 107 -11.31 16.63 19.55
CA ARG A 107 -10.06 17.34 19.34
C ARG A 107 -8.92 16.61 20.03
N GLN A 108 -9.22 15.95 21.14
CA GLN A 108 -8.22 15.16 21.86
C GLN A 108 -7.86 13.92 21.07
N GLU A 109 -8.86 13.33 20.43
CA GLU A 109 -8.66 12.11 19.66
C GLU A 109 -7.85 12.37 18.39
N LEU A 110 -8.11 13.50 17.74
CA LEU A 110 -7.31 13.93 16.59
C LEU A 110 -5.85 14.11 16.99
N GLY A 111 -5.63 14.78 18.11
CA GLY A 111 -4.30 15.05 18.60
C GLY A 111 -3.53 13.76 18.82
N ARG A 112 -4.22 12.75 19.33
CA ARG A 112 -3.62 11.44 19.55
C ARG A 112 -3.03 10.87 18.26
N TRP A 113 -3.72 11.06 17.15
CA TRP A 113 -3.20 10.59 15.86
C TRP A 113 -2.18 11.55 15.28
N LEU A 114 -2.42 12.85 15.46
CA LEU A 114 -1.51 13.85 14.92
C LEU A 114 -0.12 13.77 15.57
N GLN A 115 -0.09 13.42 16.85
CA GLN A 115 1.15 13.37 17.61
C GLN A 115 1.64 11.94 17.75
N GLU A 116 0.97 11.03 17.06
CA GLU A 116 1.30 9.61 17.11
C GLU A 116 1.33 9.09 18.54
N GLU A 117 0.51 9.70 19.39
CA GLU A 117 0.39 9.28 20.78
C GLU A 117 -0.21 7.87 20.86
N PRO A 118 -0.17 7.26 22.05
CA PRO A 118 -0.73 5.92 22.25
C PRO A 118 -2.25 5.89 22.16
N GLY A 119 -2.79 4.81 21.60
CA GLY A 119 -4.22 4.63 21.49
C GLY A 119 -4.85 5.37 20.33
N ALA A 120 -4.02 5.93 19.45
CA ALA A 120 -4.53 6.63 18.28
C ALA A 120 -5.33 5.67 17.41
N PHE A 121 -6.20 6.20 16.58
CA PHE A 121 -6.95 5.35 15.67
C PHE A 121 -6.04 5.03 14.49
N ASN A 122 -6.22 3.84 13.90
CA ASN A 122 -5.40 3.44 12.78
C ASN A 122 -6.04 3.81 11.45
N TRP A 123 -5.53 4.87 10.83
CA TRP A 123 -6.04 5.36 9.56
C TRP A 123 -5.28 4.80 8.37
N SER A 124 -4.31 3.93 8.65
CA SER A 124 -3.34 3.50 7.63
C SER A 124 -3.98 2.85 6.42
N MET A 125 -5.06 2.09 6.63
CA MET A 125 -5.79 1.52 5.50
C MET A 125 -6.31 2.63 4.58
N TYR A 126 -6.75 3.73 5.17
CA TYR A 126 -7.25 4.86 4.39
C TYR A 126 -6.10 5.60 3.68
N SER A 127 -5.00 5.81 4.40
CA SER A 127 -3.83 6.45 3.81
C SER A 127 -3.37 5.64 2.58
N GLN A 128 -3.31 4.32 2.73
CA GLN A 128 -2.86 3.45 1.67
C GLN A 128 -3.75 3.58 0.45
N HIS A 129 -5.06 3.49 0.66
CA HIS A 129 -5.99 3.61 -0.46
C HIS A 129 -5.97 4.97 -1.12
N ALA A 130 -5.69 6.02 -0.35
CA ALA A 130 -5.55 7.34 -0.96
C ALA A 130 -4.36 7.33 -1.92
N CYS A 131 -3.23 6.76 -1.46
CA CYS A 131 -2.04 6.66 -2.29
C CYS A 131 -2.32 5.82 -3.53
N LEU A 132 -3.02 4.72 -3.32
CA LEU A 132 -3.45 3.83 -4.40
C LEU A 132 -4.23 4.60 -5.45
N ILE A 133 -5.25 5.32 -4.99
CA ILE A 133 -6.16 6.05 -5.87
C ILE A 133 -5.47 7.22 -6.59
N GLU A 134 -4.70 8.01 -5.84
CA GLU A 134 -4.00 9.14 -6.43
C GLU A 134 -3.03 8.70 -7.52
N GLY A 135 -2.44 7.52 -7.34
CA GLY A 135 -1.59 6.93 -8.37
C GLY A 135 -0.32 7.69 -8.66
N LYS A 136 0.33 8.16 -7.61
CA LYS A 136 1.59 8.88 -7.76
C LYS A 136 2.73 8.05 -7.17
N GLY A 137 2.44 6.78 -6.91
CA GLY A 137 3.41 5.87 -6.33
C GLY A 137 3.97 6.37 -5.01
N GLU A 138 3.13 7.05 -4.22
CA GLU A 138 3.54 7.54 -2.91
C GLU A 138 3.29 6.48 -1.86
N CYS A 139 4.21 6.35 -0.89
CA CYS A 139 4.01 5.40 0.19
C CYS A 139 3.14 6.02 1.27
N TRP A 140 2.28 5.22 1.87
CA TRP A 140 1.30 5.74 2.81
C TRP A 140 1.94 6.48 3.99
N GLN A 141 3.14 6.08 4.40
CA GLN A 141 3.84 6.74 5.49
C GLN A 141 4.22 8.18 5.15
N ASP A 142 4.48 8.43 3.87
CA ASP A 142 4.82 9.77 3.42
C ASP A 142 3.55 10.63 3.46
N LYS A 143 2.45 10.06 2.99
CA LYS A 143 1.14 10.70 3.03
C LYS A 143 0.81 11.18 4.45
N GLU A 144 0.78 10.24 5.40
CA GLU A 144 0.49 10.59 6.80
C GLU A 144 1.47 11.61 7.36
N ARG A 145 2.72 11.52 6.92
CA ARG A 145 3.77 12.42 7.38
C ARG A 145 3.48 13.84 6.93
N GLN A 146 3.04 13.97 5.67
CA GLN A 146 2.72 15.27 5.09
C GLN A 146 1.49 15.88 5.77
N LEU A 147 0.45 15.07 5.97
CA LEU A 147 -0.75 15.55 6.63
C LEU A 147 -0.41 16.06 8.02
N ARG A 148 0.16 15.19 8.84
CA ARG A 148 0.56 15.55 10.19
C ARG A 148 1.39 16.85 10.21
N ALA A 149 2.19 17.04 9.17
CA ALA A 149 3.07 18.21 9.10
C ALA A 149 2.29 19.49 8.81
N ARG A 150 1.31 19.39 7.92
CA ARG A 150 0.58 20.56 7.43
C ARG A 150 -0.61 20.96 8.30
N VAL A 151 -1.10 20.05 9.12
CA VAL A 151 -2.09 20.41 10.12
C VAL A 151 -1.43 21.23 11.22
N LYS A 152 -1.62 22.54 11.17
CA LYS A 152 -0.99 23.43 12.12
C LYS A 152 -1.73 23.47 13.45
N ARG A 153 -3.05 23.34 13.40
CA ARG A 153 -3.86 23.53 14.60
C ARG A 153 -5.22 22.82 14.57
N VAL A 154 -5.71 22.49 15.76
CA VAL A 154 -7.02 21.90 15.95
C VAL A 154 -7.87 22.82 16.83
N LEU A 155 -8.84 23.51 16.22
CA LEU A 155 -9.61 24.53 16.93
C LEU A 155 -11.06 24.16 17.21
N PRO A 156 -11.61 24.64 18.33
CA PRO A 156 -13.04 24.50 18.60
C PRO A 156 -13.84 25.32 17.60
N ILE A 157 -15.07 24.88 17.32
CA ILE A 157 -15.91 25.54 16.33
C ILE A 157 -17.38 25.27 16.62
N ASP A 158 -18.24 26.23 16.27
CA ASP A 158 -19.69 26.07 16.34
C ASP A 158 -20.29 26.70 15.09
N VAL A 159 -20.77 25.86 14.17
CA VAL A 159 -21.29 26.36 12.91
C VAL A 159 -22.58 27.15 13.10
N HIS A 160 -23.16 27.03 14.30
CA HIS A 160 -24.39 27.73 14.62
C HIS A 160 -24.14 29.21 14.90
N GLN A 161 -22.87 29.56 15.13
CA GLN A 161 -22.48 30.94 15.36
C GLN A 161 -22.16 31.62 14.04
N PRO A 162 -22.62 32.88 13.88
CA PRO A 162 -22.31 33.68 12.70
C PRO A 162 -20.81 33.82 12.46
N GLN A 163 -20.02 33.71 13.52
CA GLN A 163 -18.57 33.58 13.41
C GLN A 163 -18.16 32.26 14.06
N PRO A 164 -18.23 31.16 13.30
CA PRO A 164 -18.08 29.80 13.83
C PRO A 164 -16.78 29.57 14.60
N LEU A 165 -15.71 30.23 14.18
CA LEU A 165 -14.41 30.13 14.85
C LEU A 165 -14.26 31.12 16.00
N GLY A 166 -15.14 32.12 16.04
CA GLY A 166 -15.07 33.14 17.07
C GLY A 166 -14.41 34.42 16.59
N ALA A 167 -13.97 35.23 17.56
CA ALA A 167 -13.42 36.55 17.27
C ALA A 167 -11.98 36.52 16.79
N GLY A 168 -11.06 36.22 17.70
CA GLY A 168 -9.64 36.23 17.40
C GLY A 168 -9.07 34.83 17.25
N SER A 169 -9.50 34.14 16.19
CA SER A 169 -9.04 32.78 15.93
C SER A 169 -7.65 32.80 15.30
N PRO A 170 -6.79 31.87 15.74
CA PRO A 170 -5.44 31.71 15.21
C PRO A 170 -5.46 31.28 13.74
N ALA A 171 -6.61 30.89 13.24
CA ALA A 171 -6.76 30.42 11.86
C ALA A 171 -6.62 31.56 10.86
N PRO A 172 -5.78 31.36 9.84
CA PRO A 172 -5.63 32.35 8.76
C PRO A 172 -6.94 32.50 8.01
N LEU A 173 -7.50 33.71 8.02
CA LEU A 173 -8.76 33.98 7.33
C LEU A 173 -8.60 35.12 6.33
N PRO A 174 -9.34 35.05 5.21
CA PRO A 174 -10.22 33.93 4.89
C PRO A 174 -9.44 32.75 4.34
N ALA A 175 -9.99 31.56 4.47
CA ALA A 175 -9.35 30.35 3.96
C ALA A 175 -9.45 30.32 2.44
N ASP A 176 -8.49 29.66 1.80
CA ASP A 176 -8.52 29.49 0.35
C ASP A 176 -9.53 28.42 -0.02
N ALA A 177 -9.86 27.56 0.93
CA ALA A 177 -10.76 26.44 0.68
C ALA A 177 -11.32 25.86 1.98
N LEU A 178 -12.44 25.16 1.87
CA LEU A 178 -13.06 24.52 3.01
C LEU A 178 -13.36 23.06 2.70
N VAL A 179 -13.35 22.23 3.74
CA VAL A 179 -13.79 20.85 3.63
C VAL A 179 -14.70 20.53 4.80
N SER A 180 -15.81 19.87 4.55
CA SER A 180 -16.64 19.38 5.65
C SER A 180 -17.35 18.08 5.31
N ALA A 181 -17.28 17.13 6.22
CA ALA A 181 -17.94 15.84 6.00
C ALA A 181 -18.84 15.43 7.15
N PHE A 182 -20.11 15.17 6.82
CA PHE A 182 -21.09 14.68 7.78
C PHE A 182 -21.29 15.59 9.00
N CYS A 183 -21.10 16.89 8.80
CA CYS A 183 -21.30 17.83 9.89
C CYS A 183 -22.68 18.51 9.85
N LEU A 184 -22.84 19.42 8.90
CA LEU A 184 -24.01 20.30 8.86
C LEU A 184 -25.33 19.57 9.06
N GLU A 185 -25.64 18.64 8.17
CA GLU A 185 -26.87 17.86 8.29
C GLU A 185 -26.97 17.14 9.64
N ALA A 186 -25.82 16.94 10.28
CA ALA A 186 -25.77 16.19 11.53
C ALA A 186 -25.92 17.07 12.79
N VAL A 187 -25.86 18.38 12.60
CA VAL A 187 -26.00 19.31 13.72
C VAL A 187 -27.15 20.28 13.49
N SER A 188 -27.93 20.03 12.45
CA SER A 188 -29.04 20.91 12.09
C SER A 188 -30.38 20.18 12.24
N PRO A 189 -31.27 20.75 13.07
CA PRO A 189 -32.60 20.20 13.35
C PRO A 189 -33.45 20.12 12.10
N ASP A 190 -33.18 21.01 11.14
CA ASP A 190 -34.04 21.13 9.98
C ASP A 190 -33.35 21.87 8.85
N LEU A 191 -34.01 21.87 7.70
CA LEU A 191 -33.46 22.46 6.48
C LEU A 191 -32.99 23.91 6.65
N ALA A 192 -33.77 24.71 7.37
CA ALA A 192 -33.46 26.12 7.51
C ALA A 192 -32.20 26.30 8.34
N SER A 193 -32.11 25.54 9.42
CA SER A 193 -30.92 25.55 10.26
C SER A 193 -29.71 25.11 9.44
N PHE A 194 -29.93 24.09 8.60
CA PHE A 194 -28.89 23.59 7.70
C PHE A 194 -28.37 24.74 6.86
N GLN A 195 -29.30 25.41 6.17
CA GLN A 195 -28.96 26.54 5.31
C GLN A 195 -28.14 27.60 6.03
N ARG A 196 -28.53 27.94 7.26
CA ARG A 196 -27.84 29.00 7.98
C ARG A 196 -26.42 28.59 8.35
N ALA A 197 -26.28 27.39 8.89
CA ALA A 197 -24.96 26.87 9.22
C ALA A 197 -24.04 26.90 8.00
N LEU A 198 -24.60 26.65 6.82
CA LEU A 198 -23.84 26.75 5.58
C LEU A 198 -23.44 28.19 5.28
N ASP A 199 -24.35 29.12 5.52
CA ASP A 199 -24.04 30.55 5.35
C ASP A 199 -22.94 30.94 6.32
N HIS A 200 -23.03 30.40 7.54
CA HIS A 200 -22.05 30.72 8.57
C HIS A 200 -20.63 30.32 8.18
N ILE A 201 -20.46 29.07 7.75
CA ILE A 201 -19.12 28.61 7.38
C ILE A 201 -18.64 29.30 6.10
N THR A 202 -19.58 29.62 5.21
CA THR A 202 -19.23 30.26 3.95
C THR A 202 -18.50 31.59 4.15
N THR A 203 -18.74 32.25 5.28
CA THR A 203 -18.08 33.52 5.59
C THR A 203 -16.58 33.32 5.81
N LEU A 204 -16.20 32.08 6.12
CA LEU A 204 -14.80 31.73 6.36
C LEU A 204 -14.01 31.57 5.06
N LEU A 205 -14.72 31.49 3.94
CA LEU A 205 -14.12 31.14 2.67
C LEU A 205 -13.91 32.37 1.78
N ARG A 206 -12.66 32.61 1.41
CA ARG A 206 -12.31 33.67 0.48
C ARG A 206 -13.09 33.53 -0.82
N PRO A 207 -13.62 34.64 -1.33
CA PRO A 207 -14.36 34.63 -2.60
C PRO A 207 -13.51 33.99 -3.71
N GLY A 208 -14.13 33.14 -4.50
CA GLY A 208 -13.41 32.38 -5.52
C GLY A 208 -12.91 31.08 -4.93
N GLY A 209 -12.96 30.98 -3.60
CA GLY A 209 -12.50 29.80 -2.90
C GLY A 209 -13.34 28.57 -3.19
N HIS A 210 -12.91 27.42 -2.68
CA HIS A 210 -13.61 26.18 -2.96
C HIS A 210 -14.09 25.47 -1.70
N LEU A 211 -15.25 24.84 -1.81
CA LEU A 211 -15.79 24.07 -0.71
C LEU A 211 -16.03 22.64 -1.18
N LEU A 212 -15.50 21.68 -0.45
CA LEU A 212 -15.78 20.28 -0.71
C LEU A 212 -16.62 19.79 0.44
N LEU A 213 -17.82 19.32 0.12
CA LEU A 213 -18.81 19.02 1.15
C LEU A 213 -19.37 17.62 0.97
N ILE A 214 -19.29 16.81 2.02
CA ILE A 214 -19.75 15.43 1.97
C ILE A 214 -20.78 15.22 3.08
N GLY A 215 -21.81 14.42 2.81
CA GLY A 215 -22.78 14.18 3.86
C GLY A 215 -23.77 13.07 3.64
N ALA A 216 -24.51 12.76 4.69
CA ALA A 216 -25.55 11.75 4.64
C ALA A 216 -26.79 12.27 3.89
N LEU A 217 -27.40 11.39 3.11
CA LEU A 217 -28.63 11.70 2.39
C LEU A 217 -29.83 10.99 3.02
N GLU A 218 -30.90 11.75 3.23
CA GLU A 218 -32.14 11.21 3.78
C GLU A 218 -31.91 10.44 5.07
N GLU A 219 -31.00 10.96 5.89
CA GLU A 219 -30.71 10.35 7.18
C GLU A 219 -31.41 11.15 8.29
N SER A 220 -31.84 10.46 9.33
CA SER A 220 -32.55 11.14 10.42
C SER A 220 -31.92 10.89 11.79
N TRP A 221 -31.13 9.83 11.90
CA TRP A 221 -30.42 9.58 13.14
C TRP A 221 -29.17 8.73 12.94
N TYR A 222 -28.24 8.84 13.89
CA TYR A 222 -27.11 7.93 13.96
C TYR A 222 -26.62 7.85 15.40
N LEU A 223 -26.09 6.68 15.77
CA LEU A 223 -25.62 6.46 17.12
C LEU A 223 -24.12 6.70 17.25
N ALA A 224 -23.71 7.02 18.48
CA ALA A 224 -22.31 7.24 18.82
C ALA A 224 -22.09 6.81 20.26
N GLY A 225 -22.25 5.51 20.51
CA GLY A 225 -22.18 5.00 21.86
C GLY A 225 -23.49 5.25 22.58
N GLU A 226 -23.43 5.96 23.70
CA GLU A 226 -24.63 6.28 24.47
C GLU A 226 -25.40 7.44 23.84
N ALA A 227 -24.71 8.22 23.01
CA ALA A 227 -25.36 9.33 22.31
C ALA A 227 -26.20 8.82 21.14
N ARG A 228 -27.34 9.46 20.95
CA ARG A 228 -28.25 9.18 19.86
C ARG A 228 -28.54 10.51 19.21
N LEU A 229 -27.96 10.75 18.03
CA LEU A 229 -28.01 12.07 17.42
C LEU A 229 -29.09 12.18 16.36
N THR A 230 -29.74 13.34 16.32
CA THR A 230 -30.77 13.60 15.32
C THR A 230 -30.13 14.21 14.09
N VAL A 231 -30.64 13.85 12.93
CA VAL A 231 -30.13 14.36 11.67
C VAL A 231 -31.28 14.87 10.82
N VAL A 232 -31.05 15.94 10.09
CA VAL A 232 -32.04 16.42 9.13
C VAL A 232 -31.88 15.68 7.81
N PRO A 233 -32.91 14.94 7.40
CA PRO A 233 -32.94 14.19 6.14
C PRO A 233 -32.92 15.13 4.94
N VAL A 234 -31.81 15.17 4.21
CA VAL A 234 -31.73 16.03 3.04
C VAL A 234 -31.59 15.23 1.74
N SER A 235 -31.99 15.84 0.64
CA SER A 235 -31.90 15.21 -0.67
C SER A 235 -30.79 15.87 -1.47
N GLU A 236 -30.42 15.27 -2.59
CA GLU A 236 -29.40 15.83 -3.46
C GLU A 236 -29.77 17.22 -3.96
N GLU A 237 -31.00 17.41 -4.44
CA GLU A 237 -31.37 18.72 -4.98
C GLU A 237 -31.55 19.75 -3.86
N GLU A 238 -31.93 19.27 -2.68
CA GLU A 238 -32.00 20.16 -1.52
C GLU A 238 -30.62 20.69 -1.16
N VAL A 239 -29.62 19.82 -1.24
CA VAL A 239 -28.23 20.22 -1.01
C VAL A 239 -27.80 21.20 -2.09
N ARG A 240 -28.13 20.89 -3.34
CA ARG A 240 -27.79 21.77 -4.45
C ARG A 240 -28.35 23.17 -4.22
N GLU A 241 -29.66 23.25 -3.99
CA GLU A 241 -30.34 24.52 -3.76
C GLU A 241 -29.66 25.31 -2.63
N ALA A 242 -29.39 24.64 -1.52
CA ALA A 242 -28.73 25.27 -0.37
C ALA A 242 -27.39 25.89 -0.74
N LEU A 243 -26.62 25.20 -1.58
CA LEU A 243 -25.32 25.72 -2.01
C LEU A 243 -25.50 26.97 -2.86
N VAL A 244 -26.45 26.90 -3.80
CA VAL A 244 -26.80 28.05 -4.61
C VAL A 244 -27.17 29.23 -3.74
N ARG A 245 -28.11 29.02 -2.82
CA ARG A 245 -28.57 30.07 -1.93
C ARG A 245 -27.43 30.70 -1.13
N SER A 246 -26.41 29.91 -0.81
CA SER A 246 -25.30 30.42 -0.02
C SER A 246 -24.29 31.21 -0.86
N GLY A 247 -24.46 31.19 -2.18
CA GLY A 247 -23.60 31.96 -3.07
C GLY A 247 -22.56 31.14 -3.79
N TYR A 248 -22.82 29.84 -3.93
CA TYR A 248 -21.88 28.94 -4.59
C TYR A 248 -22.29 28.60 -6.01
N LYS A 249 -21.31 28.45 -6.88
CA LYS A 249 -21.50 27.73 -8.13
C LYS A 249 -21.20 26.27 -7.83
N VAL A 250 -22.10 25.38 -8.23
CA VAL A 250 -21.90 23.94 -8.01
C VAL A 250 -21.11 23.34 -9.15
N ARG A 251 -19.84 23.03 -8.89
CA ARG A 251 -18.98 22.44 -9.91
C ARG A 251 -19.31 20.97 -10.09
N ASP A 252 -19.48 20.26 -8.98
CA ASP A 252 -19.78 18.84 -9.02
C ASP A 252 -20.64 18.41 -7.84
N LEU A 253 -21.59 17.53 -8.11
CA LEU A 253 -22.45 16.98 -7.07
C LEU A 253 -22.84 15.56 -7.45
N ARG A 254 -22.43 14.60 -6.61
CA ARG A 254 -22.58 13.18 -6.91
C ARG A 254 -23.22 12.45 -5.75
N THR A 255 -23.90 11.34 -6.05
CA THR A 255 -24.53 10.56 -5.01
C THR A 255 -24.10 9.10 -5.00
N TYR A 256 -23.83 8.61 -3.79
CA TYR A 256 -23.55 7.20 -3.57
C TYR A 256 -24.74 6.57 -2.83
N ILE A 257 -25.40 5.62 -3.47
CA ILE A 257 -26.50 4.92 -2.84
C ILE A 257 -25.97 3.82 -1.92
N MET A 258 -26.48 3.78 -0.69
CA MET A 258 -25.95 2.87 0.31
C MET A 258 -26.46 1.45 0.09
N PRO A 259 -25.55 0.51 -0.18
CA PRO A 259 -25.94 -0.89 -0.42
C PRO A 259 -26.47 -1.53 0.86
N ALA A 260 -27.30 -2.55 0.71
CA ALA A 260 -27.88 -3.23 1.86
C ALA A 260 -26.83 -3.67 2.89
N HIS A 261 -25.78 -4.34 2.44
CA HIS A 261 -24.79 -4.86 3.39
C HIS A 261 -24.08 -3.75 4.15
N LEU A 262 -24.19 -2.51 3.69
CA LEU A 262 -23.63 -1.40 4.46
C LEU A 262 -24.64 -0.70 5.37
N GLN A 263 -25.84 -1.27 5.49
CA GLN A 263 -26.86 -0.77 6.41
C GLN A 263 -26.81 -1.53 7.73
N THR A 264 -26.20 -0.92 8.75
CA THR A 264 -25.70 -1.68 9.89
C THR A 264 -26.40 -1.53 11.23
N GLY A 265 -27.41 -0.68 11.31
CA GLY A 265 -28.09 -0.47 12.58
C GLY A 265 -27.48 0.64 13.42
N VAL A 266 -26.46 1.30 12.88
CA VAL A 266 -25.85 2.43 13.57
C VAL A 266 -26.44 3.75 13.09
N ASP A 267 -27.26 3.68 12.05
CA ASP A 267 -27.96 4.85 11.54
C ASP A 267 -28.98 4.43 10.51
N ASP A 268 -29.55 5.38 9.79
CA ASP A 268 -30.54 5.04 8.78
C ASP A 268 -30.26 5.79 7.48
N VAL A 269 -29.00 6.15 7.29
CA VAL A 269 -28.55 6.79 6.06
C VAL A 269 -29.06 6.03 4.84
N LYS A 270 -29.35 6.73 3.77
CA LYS A 270 -29.82 6.10 2.54
C LYS A 270 -28.78 6.23 1.43
N GLY A 271 -27.97 7.29 1.53
CA GLY A 271 -26.95 7.55 0.54
C GLY A 271 -25.93 8.52 1.10
N VAL A 272 -24.92 8.82 0.30
CA VAL A 272 -23.93 9.81 0.68
C VAL A 272 -23.77 10.73 -0.52
N PHE A 273 -23.61 12.02 -0.27
CA PHE A 273 -23.40 12.95 -1.38
C PHE A 273 -22.01 13.56 -1.29
N PHE A 274 -21.47 13.93 -2.44
CA PHE A 274 -20.25 14.72 -2.52
C PHE A 274 -20.52 15.95 -3.35
N ALA A 275 -20.21 17.13 -2.81
CA ALA A 275 -20.36 18.35 -3.56
C ALA A 275 -19.06 19.17 -3.63
N TRP A 276 -18.70 19.54 -4.86
CA TRP A 276 -17.61 20.48 -5.09
C TRP A 276 -18.25 21.82 -5.45
N ALA A 277 -18.06 22.82 -4.59
CA ALA A 277 -18.70 24.11 -4.79
C ALA A 277 -17.68 25.25 -4.74
N GLN A 278 -17.88 26.24 -5.59
CA GLN A 278 -17.02 27.41 -5.63
C GLN A 278 -17.77 28.67 -5.25
N LYS A 279 -17.25 29.38 -4.25
CA LYS A 279 -17.82 30.65 -3.83
C LYS A 279 -17.64 31.68 -4.93
N VAL A 280 -18.76 32.16 -5.46
CA VAL A 280 -18.72 33.18 -6.51
C VAL A 280 -19.41 34.46 -6.02
N PRO B 14 37.17 -29.98 -13.59
CA PRO B 14 37.66 -30.50 -12.31
C PRO B 14 36.56 -31.15 -11.47
N ASP B 15 36.62 -30.93 -10.16
CA ASP B 15 35.72 -31.59 -9.21
C ASP B 15 34.74 -30.60 -8.58
N SER B 16 33.45 -30.88 -8.71
CA SER B 16 32.42 -29.98 -8.19
C SER B 16 32.04 -30.28 -6.74
N ALA B 17 32.23 -31.53 -6.33
CA ALA B 17 31.80 -32.00 -5.01
C ALA B 17 32.39 -31.22 -3.82
N PRO B 18 33.70 -30.95 -3.84
CA PRO B 18 34.27 -30.19 -2.71
C PRO B 18 33.62 -28.83 -2.52
N GLY B 19 33.51 -28.05 -3.59
CA GLY B 19 32.92 -26.73 -3.51
C GLY B 19 31.50 -26.77 -2.98
N GLN B 20 30.70 -27.69 -3.51
CA GLN B 20 29.32 -27.85 -3.08
C GLN B 20 29.22 -28.19 -1.60
N ALA B 21 30.15 -29.01 -1.12
CA ALA B 21 30.15 -29.43 0.28
C ALA B 21 30.46 -28.26 1.21
N ALA B 22 31.27 -27.33 0.73
CA ALA B 22 31.60 -26.14 1.50
C ALA B 22 30.33 -25.30 1.65
N VAL B 23 29.65 -25.08 0.53
CA VAL B 23 28.40 -24.32 0.49
C VAL B 23 27.36 -24.91 1.45
N ALA B 24 27.00 -26.17 1.22
CA ALA B 24 26.04 -26.86 2.09
C ALA B 24 26.42 -26.75 3.57
N SER B 25 27.71 -26.86 3.86
CA SER B 25 28.20 -26.72 5.23
C SER B 25 27.91 -25.31 5.75
N ALA B 26 28.27 -24.30 4.96
CA ALA B 26 28.13 -22.92 5.38
C ALA B 26 26.68 -22.56 5.69
N TYR B 27 25.76 -23.04 4.87
CA TYR B 27 24.34 -22.73 5.02
C TYR B 27 23.68 -23.37 6.24
N GLN B 28 24.36 -24.29 6.90
CA GLN B 28 23.81 -24.89 8.11
C GLN B 28 23.74 -23.85 9.22
N ARG B 29 24.41 -22.72 9.03
CA ARG B 29 24.40 -21.64 10.01
C ARG B 29 23.54 -20.45 9.59
N PHE B 30 22.93 -20.55 8.40
CA PHE B 30 22.06 -19.51 7.87
C PHE B 30 20.87 -19.28 8.79
N GLU B 31 20.72 -18.05 9.30
CA GLU B 31 19.60 -17.69 10.17
C GLU B 31 18.58 -16.81 9.43
N PRO B 32 17.43 -17.39 9.08
CA PRO B 32 16.40 -16.71 8.28
C PRO B 32 16.04 -15.33 8.82
N ARG B 33 15.77 -15.25 10.13
CA ARG B 33 15.40 -13.99 10.76
C ARG B 33 16.44 -12.91 10.55
N ALA B 34 17.68 -13.20 10.89
CA ALA B 34 18.77 -12.26 10.69
C ALA B 34 18.82 -11.83 9.23
N TYR B 35 18.64 -12.80 8.33
CA TYR B 35 18.67 -12.53 6.89
C TYR B 35 17.54 -11.61 6.46
N LEU B 36 16.33 -11.90 6.95
CA LEU B 36 15.18 -11.05 6.68
C LEU B 36 15.46 -9.64 7.16
N ARG B 37 15.89 -9.54 8.42
CA ARG B 37 16.24 -8.25 9.02
C ARG B 37 17.28 -7.49 8.18
N ASN B 38 18.34 -8.18 7.76
CA ASN B 38 19.43 -7.52 7.04
C ASN B 38 19.03 -6.99 5.67
N ASN B 39 18.09 -7.66 5.02
CA ASN B 39 17.78 -7.37 3.63
C ASN B 39 16.39 -6.77 3.36
N TYR B 40 15.43 -7.11 4.20
CA TYR B 40 14.05 -6.71 3.92
C TYR B 40 13.38 -5.86 5.00
N ALA B 41 14.14 -5.51 6.04
CA ALA B 41 13.75 -4.47 6.96
C ALA B 41 14.49 -3.21 6.55
N PRO B 42 14.06 -2.03 7.04
CA PRO B 42 14.83 -0.83 6.67
C PRO B 42 16.25 -0.94 7.19
N PRO B 43 17.21 -0.26 6.54
CA PRO B 43 17.12 0.70 5.43
C PRO B 43 16.80 0.07 4.07
N ARG B 44 17.24 -1.16 3.84
CA ARG B 44 17.03 -1.80 2.54
C ARG B 44 15.56 -2.07 2.27
N GLY B 45 14.82 -2.41 3.32
CA GLY B 45 13.41 -2.68 3.20
C GLY B 45 12.52 -1.45 3.24
N ASP B 46 13.12 -0.26 3.12
CA ASP B 46 12.32 0.96 3.08
C ASP B 46 11.81 1.22 1.68
N LEU B 47 10.52 1.05 1.49
CA LEU B 47 9.94 1.19 0.17
C LEU B 47 9.46 2.61 -0.15
N CYS B 48 9.66 3.54 0.79
CA CYS B 48 9.20 4.91 0.58
C CYS B 48 10.07 5.66 -0.41
N ASN B 49 11.37 5.42 -0.39
CA ASN B 49 12.25 6.04 -1.37
C ASN B 49 12.19 5.30 -2.70
N PRO B 50 11.71 5.98 -3.75
CA PRO B 50 11.55 5.38 -5.07
C PRO B 50 12.90 5.04 -5.67
N ASN B 51 13.97 5.63 -5.14
CA ASN B 51 15.33 5.39 -5.61
C ASN B 51 15.97 4.18 -4.97
N GLY B 52 15.28 3.57 -4.02
CA GLY B 52 15.81 2.44 -3.28
C GLY B 52 15.79 1.16 -4.07
N VAL B 53 16.41 0.12 -3.53
CA VAL B 53 16.56 -1.15 -4.23
C VAL B 53 15.26 -1.94 -4.21
N GLY B 54 14.58 -1.93 -3.07
CA GLY B 54 13.28 -2.57 -2.92
C GLY B 54 12.29 -2.16 -3.99
N PRO B 55 12.05 -0.85 -4.14
CA PRO B 55 11.16 -0.36 -5.18
C PRO B 55 11.65 -0.72 -6.59
N TRP B 56 12.95 -0.60 -6.82
CA TRP B 56 13.51 -0.96 -8.12
C TRP B 56 13.20 -2.43 -8.47
N LYS B 57 13.49 -3.34 -7.55
CA LYS B 57 13.17 -4.75 -7.78
C LYS B 57 11.70 -4.95 -8.15
N LEU B 58 10.80 -4.45 -7.30
CA LEU B 58 9.37 -4.65 -7.49
C LEU B 58 8.93 -4.12 -8.83
N ARG B 59 9.52 -2.97 -9.19
CA ARG B 59 9.23 -2.34 -10.46
C ARG B 59 9.67 -3.19 -11.66
N CYS B 60 10.82 -3.84 -11.55
CA CYS B 60 11.28 -4.72 -12.63
C CYS B 60 10.30 -5.87 -12.81
N LEU B 61 9.88 -6.44 -11.69
CA LEU B 61 8.97 -7.57 -11.73
C LEU B 61 7.61 -7.13 -12.26
N ALA B 62 7.06 -6.05 -11.70
CA ALA B 62 5.75 -5.56 -12.11
C ALA B 62 5.70 -5.23 -13.60
N GLN B 63 6.67 -4.44 -14.06
CA GLN B 63 6.70 -4.03 -15.46
C GLN B 63 6.81 -5.21 -16.41
N THR B 64 7.52 -6.25 -15.97
CA THR B 64 7.76 -7.40 -16.83
C THR B 64 6.46 -8.17 -17.01
N PHE B 65 5.78 -8.45 -15.91
CA PHE B 65 4.51 -9.16 -15.96
C PHE B 65 3.45 -8.30 -16.67
N ALA B 66 3.64 -6.99 -16.64
CA ALA B 66 2.66 -6.06 -17.23
C ALA B 66 2.65 -6.10 -18.76
N THR B 67 3.70 -6.66 -19.36
CA THR B 67 3.74 -6.82 -20.80
C THR B 67 2.78 -7.91 -21.25
N GLY B 68 2.34 -8.73 -20.31
CA GLY B 68 1.45 -9.84 -20.60
C GLY B 68 2.17 -11.01 -21.26
N GLU B 69 3.45 -10.85 -21.53
CA GLU B 69 4.21 -11.85 -22.28
C GLU B 69 4.66 -13.03 -21.43
N VAL B 70 4.67 -12.83 -20.12
CA VAL B 70 5.06 -13.89 -19.20
C VAL B 70 3.83 -14.47 -18.49
N SER B 71 3.31 -15.57 -19.03
CA SER B 71 2.11 -16.18 -18.46
C SER B 71 2.06 -17.67 -18.71
N GLY B 72 1.10 -18.33 -18.07
CA GLY B 72 0.92 -19.76 -18.22
C GLY B 72 0.22 -20.33 -17.01
N ARG B 73 0.39 -21.64 -16.80
CA ARG B 73 -0.28 -22.30 -15.70
C ARG B 73 0.64 -22.42 -14.48
N THR B 74 1.90 -22.75 -14.73
CA THR B 74 2.80 -23.11 -13.64
C THR B 74 4.08 -22.28 -13.59
N LEU B 75 4.47 -21.94 -12.37
CA LEU B 75 5.66 -21.17 -12.15
C LEU B 75 6.44 -21.85 -11.05
N ILE B 76 7.77 -21.75 -11.10
CA ILE B 76 8.59 -22.28 -10.03
C ILE B 76 9.53 -21.20 -9.55
N ASP B 77 9.58 -20.99 -8.24
CA ASP B 77 10.52 -20.05 -7.66
C ASP B 77 11.72 -20.84 -7.14
N ILE B 78 12.90 -20.55 -7.69
CA ILE B 78 14.14 -21.28 -7.41
C ILE B 78 14.92 -20.64 -6.27
N GLY B 79 15.06 -21.35 -5.16
CA GLY B 79 15.80 -20.82 -4.03
C GLY B 79 15.06 -19.68 -3.35
N SER B 80 13.78 -19.92 -3.05
CA SER B 80 12.89 -18.92 -2.47
C SER B 80 13.44 -18.33 -1.17
N GLY B 81 14.04 -19.18 -0.34
CA GLY B 81 14.50 -18.73 0.96
C GLY B 81 13.29 -18.42 1.83
N PRO B 82 13.40 -17.43 2.72
CA PRO B 82 12.21 -17.15 3.52
C PRO B 82 11.47 -15.91 3.02
N THR B 83 11.58 -15.62 1.72
CA THR B 83 10.99 -14.41 1.15
C THR B 83 9.89 -14.71 0.13
N VAL B 84 9.00 -13.74 -0.08
CA VAL B 84 7.89 -13.91 -1.03
C VAL B 84 7.71 -12.71 -1.96
N TYR B 85 8.38 -11.62 -1.65
CA TYR B 85 8.23 -10.40 -2.45
C TYR B 85 8.39 -10.68 -3.95
N GLN B 86 9.26 -11.64 -4.29
CA GLN B 86 9.57 -11.93 -5.69
C GLN B 86 8.40 -12.54 -6.43
N LEU B 87 7.39 -12.99 -5.68
CA LEU B 87 6.21 -13.60 -6.29
C LEU B 87 4.98 -12.67 -6.27
N LEU B 88 5.13 -11.48 -5.69
CA LEU B 88 3.99 -10.56 -5.54
C LEU B 88 3.27 -10.20 -6.83
N SER B 89 4.01 -9.75 -7.84
CA SER B 89 3.42 -9.45 -9.14
C SER B 89 3.14 -10.69 -9.97
N ALA B 90 3.87 -11.78 -9.69
CA ALA B 90 3.77 -12.98 -10.52
C ALA B 90 2.48 -13.74 -10.29
N CYS B 91 1.99 -13.72 -9.05
CA CYS B 91 0.89 -14.59 -8.67
C CYS B 91 -0.42 -14.30 -9.42
N SER B 92 -0.57 -13.09 -9.94
CA SER B 92 -1.76 -12.81 -10.75
C SER B 92 -1.73 -13.53 -12.11
N HIS B 93 -0.55 -14.02 -12.52
CA HIS B 93 -0.44 -14.64 -13.85
C HIS B 93 -0.21 -16.15 -13.86
N PHE B 94 -0.11 -16.76 -12.68
CA PHE B 94 0.14 -18.20 -12.62
C PHE B 94 -0.72 -18.89 -11.57
N GLU B 95 -1.58 -19.79 -12.03
CA GLU B 95 -2.49 -20.50 -11.14
C GLU B 95 -1.74 -21.44 -10.20
N ASP B 96 -0.59 -21.93 -10.63
CA ASP B 96 0.16 -22.91 -9.84
C ASP B 96 1.59 -22.49 -9.62
N ILE B 97 1.93 -22.25 -8.36
CA ILE B 97 3.23 -21.74 -8.00
C ILE B 97 3.94 -22.72 -7.07
N THR B 98 5.16 -23.07 -7.42
CA THR B 98 5.99 -23.90 -6.57
C THR B 98 7.04 -23.01 -5.93
N MET B 99 7.18 -23.09 -4.61
CA MET B 99 8.27 -22.40 -3.94
C MET B 99 9.30 -23.45 -3.54
N THR B 100 10.55 -23.06 -3.40
CA THR B 100 11.61 -24.03 -3.11
C THR B 100 12.72 -23.45 -2.26
N ASP B 101 13.30 -24.28 -1.38
CA ASP B 101 14.57 -23.92 -0.76
C ASP B 101 15.37 -25.10 -0.22
N PHE B 102 16.69 -24.91 -0.20
CA PHE B 102 17.62 -25.88 0.33
C PHE B 102 17.35 -26.16 1.80
N LEU B 103 17.23 -25.09 2.58
CA LEU B 103 17.14 -25.20 4.03
C LEU B 103 15.72 -25.44 4.54
N GLU B 104 15.59 -26.38 5.48
CA GLU B 104 14.30 -26.66 6.08
C GLU B 104 13.77 -25.43 6.82
N VAL B 105 14.67 -24.72 7.49
CA VAL B 105 14.29 -23.58 8.32
C VAL B 105 13.67 -22.46 7.49
N ASN B 106 14.08 -22.35 6.23
CA ASN B 106 13.47 -21.37 5.34
C ASN B 106 12.09 -21.84 4.91
N ARG B 107 11.98 -23.13 4.60
CA ARG B 107 10.71 -23.71 4.23
C ARG B 107 9.69 -23.55 5.35
N GLN B 108 10.16 -23.62 6.59
CA GLN B 108 9.29 -23.45 7.75
C GLN B 108 8.87 -22.00 7.90
N GLU B 109 9.80 -21.11 7.58
CA GLU B 109 9.54 -19.68 7.64
C GLU B 109 8.42 -19.35 6.66
N LEU B 110 8.51 -19.91 5.46
CA LEU B 110 7.46 -19.75 4.46
C LEU B 110 6.17 -20.40 4.96
N GLY B 111 6.32 -21.44 5.76
CA GLY B 111 5.18 -22.13 6.35
C GLY B 111 4.42 -21.24 7.34
N ARG B 112 5.15 -20.41 8.07
CA ARG B 112 4.53 -19.50 9.02
C ARG B 112 3.71 -18.48 8.26
N TRP B 113 4.27 -17.96 7.18
CA TRP B 113 3.58 -16.93 6.42
C TRP B 113 2.32 -17.47 5.74
N LEU B 114 2.41 -18.66 5.19
CA LEU B 114 1.26 -19.28 4.51
C LEU B 114 0.10 -19.53 5.47
N GLN B 115 0.42 -19.83 6.73
CA GLN B 115 -0.60 -20.10 7.73
C GLN B 115 -1.08 -18.79 8.33
N GLU B 116 -0.55 -17.70 7.81
CA GLU B 116 -0.90 -16.37 8.28
C GLU B 116 -0.72 -16.25 9.78
N GLU B 117 0.39 -16.79 10.29
CA GLU B 117 0.69 -16.67 11.69
C GLU B 117 1.25 -15.29 12.01
N PRO B 118 1.06 -14.83 13.26
CA PRO B 118 1.61 -13.55 13.75
C PRO B 118 3.13 -13.62 13.85
N GLY B 119 3.65 -14.79 14.19
CA GLY B 119 5.09 -14.98 14.28
C GLY B 119 5.77 -14.71 12.95
N ALA B 120 5.02 -14.82 11.86
CA ALA B 120 5.58 -14.70 10.52
C ALA B 120 6.17 -13.32 10.25
N PHE B 121 7.10 -13.26 9.30
CA PHE B 121 7.61 -11.99 8.82
C PHE B 121 6.48 -11.24 8.13
N ASN B 122 6.48 -9.93 8.26
CA ASN B 122 5.45 -9.09 7.68
C ASN B 122 5.83 -8.53 6.32
N TRP B 123 5.16 -9.02 5.28
CA TRP B 123 5.45 -8.59 3.92
C TRP B 123 4.49 -7.50 3.41
N SER B 124 3.60 -7.04 4.29
CA SER B 124 2.54 -6.12 3.87
C SER B 124 3.03 -4.83 3.20
N MET B 125 4.14 -4.26 3.67
CA MET B 125 4.71 -3.09 3.00
C MET B 125 5.11 -3.43 1.57
N TYR B 126 5.53 -4.67 1.35
CA TYR B 126 5.90 -5.12 0.02
C TYR B 126 4.64 -5.37 -0.80
N SER B 127 3.68 -6.04 -0.20
CA SER B 127 2.39 -6.27 -0.84
C SER B 127 1.75 -4.95 -1.25
N GLN B 128 1.67 -4.01 -0.32
CA GLN B 128 1.09 -2.71 -0.61
C GLN B 128 1.85 -2.03 -1.73
N HIS B 129 3.17 -2.00 -1.62
CA HIS B 129 3.94 -1.32 -2.66
C HIS B 129 3.75 -1.99 -4.02
N ALA B 130 3.60 -3.31 -4.04
CA ALA B 130 3.31 -4.01 -5.29
C ALA B 130 1.96 -3.58 -5.88
N CYS B 131 0.91 -3.57 -5.05
CA CYS B 131 -0.42 -3.14 -5.49
C CYS B 131 -0.36 -1.74 -6.04
N LEU B 132 0.39 -0.89 -5.36
CA LEU B 132 0.56 0.50 -5.72
C LEU B 132 1.15 0.69 -7.11
N ILE B 133 2.20 -0.06 -7.44
CA ILE B 133 2.84 0.12 -8.74
C ILE B 133 2.14 -0.66 -9.85
N GLU B 134 1.43 -1.72 -9.49
CA GLU B 134 0.68 -2.48 -10.50
C GLU B 134 -0.49 -1.65 -11.02
N GLY B 135 -0.93 -0.69 -10.22
CA GLY B 135 -1.89 0.32 -10.66
C GLY B 135 -3.28 -0.20 -11.00
N LYS B 136 -3.74 -1.19 -10.26
CA LYS B 136 -5.06 -1.78 -10.50
C LYS B 136 -5.99 -1.52 -9.33
N GLY B 137 -5.53 -0.70 -8.38
CA GLY B 137 -6.31 -0.39 -7.20
C GLY B 137 -6.57 -1.59 -6.32
N GLU B 138 -5.75 -2.62 -6.44
CA GLU B 138 -5.89 -3.81 -5.62
C GLU B 138 -5.45 -3.51 -4.20
N CYS B 139 -6.18 -4.01 -3.21
CA CYS B 139 -5.73 -3.87 -1.84
C CYS B 139 -4.77 -5.01 -1.49
N TRP B 140 -3.83 -4.73 -0.61
CA TRP B 140 -2.75 -5.67 -0.34
C TRP B 140 -3.24 -6.99 0.27
N GLN B 141 -4.29 -6.92 1.07
CA GLN B 141 -4.86 -8.12 1.67
C GLN B 141 -5.33 -9.09 0.60
N ASP B 142 -5.82 -8.54 -0.51
CA ASP B 142 -6.29 -9.34 -1.63
C ASP B 142 -5.10 -9.95 -2.36
N LYS B 143 -4.04 -9.16 -2.52
CA LYS B 143 -2.81 -9.62 -3.17
C LYS B 143 -2.25 -10.80 -2.37
N GLU B 144 -2.06 -10.60 -1.07
CA GLU B 144 -1.54 -11.64 -0.21
C GLU B 144 -2.41 -12.90 -0.20
N ARG B 145 -3.72 -12.72 -0.21
CA ARG B 145 -4.63 -13.86 -0.16
C ARG B 145 -4.47 -14.72 -1.41
N GLN B 146 -4.33 -14.07 -2.55
CA GLN B 146 -4.13 -14.75 -3.83
C GLN B 146 -2.82 -15.55 -3.86
N LEU B 147 -1.72 -14.92 -3.45
CA LEU B 147 -0.43 -15.59 -3.38
C LEU B 147 -0.54 -16.84 -2.52
N ARG B 148 -1.07 -16.69 -1.31
CA ARG B 148 -1.25 -17.83 -0.41
C ARG B 148 -2.06 -18.95 -1.04
N ALA B 149 -2.99 -18.59 -1.93
CA ALA B 149 -3.85 -19.58 -2.55
C ALA B 149 -3.13 -20.30 -3.68
N ARG B 150 -2.26 -19.56 -4.36
CA ARG B 150 -1.60 -20.08 -5.55
C ARG B 150 -0.26 -20.80 -5.30
N VAL B 151 0.22 -20.77 -4.07
CA VAL B 151 1.41 -21.55 -3.71
C VAL B 151 1.01 -22.98 -3.40
N LYS B 152 1.18 -23.86 -4.36
CA LYS B 152 0.64 -25.22 -4.24
C LYS B 152 1.55 -26.17 -3.46
N ARG B 153 2.82 -25.79 -3.31
CA ARG B 153 3.77 -26.64 -2.60
C ARG B 153 5.07 -25.90 -2.32
N VAL B 154 5.73 -26.27 -1.22
CA VAL B 154 7.02 -25.73 -0.86
C VAL B 154 8.01 -26.90 -0.78
N LEU B 155 8.98 -26.92 -1.70
CA LEU B 155 9.80 -28.10 -1.94
C LEU B 155 11.28 -27.92 -1.63
N PRO B 156 11.95 -29.00 -1.21
CA PRO B 156 13.41 -28.96 -1.06
C PRO B 156 14.03 -28.88 -2.46
N ILE B 157 15.13 -28.16 -2.57
CA ILE B 157 15.80 -28.01 -3.86
C ILE B 157 17.31 -27.93 -3.68
N ASP B 158 18.05 -28.40 -4.69
CA ASP B 158 19.50 -28.23 -4.74
C ASP B 158 19.86 -27.99 -6.20
N VAL B 159 20.25 -26.75 -6.51
CA VAL B 159 20.49 -26.37 -7.90
C VAL B 159 21.75 -27.02 -8.46
N HIS B 160 22.53 -27.64 -7.58
CA HIS B 160 23.77 -28.27 -8.00
C HIS B 160 23.52 -29.64 -8.62
N GLN B 161 22.43 -30.28 -8.21
CA GLN B 161 22.05 -31.55 -8.77
CA GLN B 161 22.05 -31.56 -8.78
C GLN B 161 21.49 -31.38 -10.18
N PRO B 162 21.72 -32.37 -11.05
CA PRO B 162 21.25 -32.31 -12.45
C PRO B 162 19.73 -32.24 -12.50
N GLN B 163 19.08 -32.85 -11.52
CA GLN B 163 17.65 -32.69 -11.30
C GLN B 163 17.50 -31.99 -9.95
N PRO B 164 17.44 -30.66 -9.96
CA PRO B 164 17.47 -29.88 -8.73
C PRO B 164 16.36 -30.24 -7.74
N LEU B 165 15.19 -30.64 -8.25
CA LEU B 165 14.07 -31.05 -7.41
C LEU B 165 14.09 -32.52 -7.03
N GLY B 166 15.02 -33.27 -7.61
CA GLY B 166 15.09 -34.69 -7.39
C GLY B 166 14.30 -35.42 -8.46
N ALA B 167 14.18 -36.74 -8.32
CA ALA B 167 13.50 -37.55 -9.33
C ALA B 167 12.05 -37.82 -8.94
N GLY B 168 11.16 -37.78 -9.94
CA GLY B 168 9.74 -37.99 -9.71
C GLY B 168 9.18 -37.07 -8.66
N SER B 169 9.63 -35.82 -8.67
CA SER B 169 9.20 -34.85 -7.66
C SER B 169 7.82 -34.29 -7.96
N PRO B 170 7.17 -33.72 -6.94
CA PRO B 170 5.82 -33.16 -7.02
C PRO B 170 5.62 -32.18 -8.18
N ALA B 171 6.50 -31.21 -8.31
CA ALA B 171 6.25 -30.07 -9.19
C ALA B 171 5.78 -30.48 -10.59
N PRO B 172 4.76 -29.78 -11.10
CA PRO B 172 4.37 -29.96 -12.49
C PRO B 172 5.55 -29.57 -13.36
N LEU B 173 6.06 -30.51 -14.14
CA LEU B 173 7.16 -30.21 -15.05
C LEU B 173 6.78 -30.56 -16.46
N PRO B 174 7.29 -29.79 -17.43
CA PRO B 174 8.14 -28.63 -17.18
C PRO B 174 7.30 -27.39 -16.86
N ALA B 175 7.89 -26.45 -16.13
CA ALA B 175 7.19 -25.23 -15.72
C ALA B 175 7.17 -24.21 -16.86
N ASP B 176 6.11 -23.40 -16.90
CA ASP B 176 5.97 -22.35 -17.91
C ASP B 176 6.94 -21.21 -17.66
N ALA B 177 7.33 -21.02 -16.40
CA ALA B 177 8.23 -19.93 -16.08
C ALA B 177 8.99 -20.23 -14.79
N LEU B 178 10.12 -19.56 -14.63
CA LEU B 178 10.92 -19.71 -13.42
C LEU B 178 11.20 -18.33 -12.87
N VAL B 179 11.27 -18.23 -11.55
CA VAL B 179 11.75 -17.02 -10.91
C VAL B 179 12.88 -17.41 -9.96
N SER B 180 13.93 -16.62 -9.91
CA SER B 180 14.95 -16.83 -8.90
C SER B 180 15.61 -15.53 -8.48
N ALA B 181 15.66 -15.29 -7.18
CA ALA B 181 16.32 -14.08 -6.70
C ALA B 181 17.41 -14.39 -5.68
N PHE B 182 18.61 -13.90 -5.97
CA PHE B 182 19.76 -14.03 -5.08
C PHE B 182 20.05 -15.47 -4.66
N CYS B 183 19.82 -16.42 -5.55
CA CYS B 183 20.18 -17.82 -5.26
C CYS B 183 21.53 -18.20 -5.87
N LEU B 184 21.54 -18.43 -7.18
CA LEU B 184 22.72 -18.91 -7.91
C LEU B 184 24.08 -18.40 -7.41
N GLU B 185 24.33 -17.11 -7.58
CA GLU B 185 25.60 -16.51 -7.17
C GLU B 185 25.91 -16.69 -5.67
N ALA B 186 24.91 -17.10 -4.91
CA ALA B 186 25.08 -17.17 -3.45
C ALA B 186 25.30 -18.59 -2.95
N VAL B 187 25.19 -19.56 -3.87
CA VAL B 187 25.44 -20.96 -3.55
C VAL B 187 26.47 -21.58 -4.52
N SER B 188 27.07 -20.74 -5.36
CA SER B 188 28.04 -21.18 -6.36
C SER B 188 29.43 -20.63 -6.07
N PRO B 189 30.39 -21.52 -5.77
CA PRO B 189 31.75 -21.10 -5.40
C PRO B 189 32.46 -20.35 -6.51
N ASP B 190 32.12 -20.62 -7.77
CA ASP B 190 32.73 -19.90 -8.89
C ASP B 190 31.82 -19.83 -10.10
N LEU B 191 32.26 -19.07 -11.10
CA LEU B 191 31.49 -18.87 -12.31
C LEU B 191 31.09 -20.16 -13.01
N ALA B 192 31.93 -21.19 -12.89
CA ALA B 192 31.67 -22.45 -13.58
C ALA B 192 30.54 -23.19 -12.90
N SER B 193 30.54 -23.15 -11.57
CA SER B 193 29.47 -23.73 -10.76
C SER B 193 28.17 -22.98 -11.00
N PHE B 194 28.27 -21.65 -11.12
CA PHE B 194 27.13 -20.80 -11.45
C PHE B 194 26.51 -21.28 -12.74
N GLN B 195 27.32 -21.33 -13.79
CA GLN B 195 26.87 -21.78 -15.10
C GLN B 195 26.18 -23.16 -15.04
N ARG B 196 26.75 -24.08 -14.27
CA ARG B 196 26.17 -25.42 -14.14
C ARG B 196 24.82 -25.37 -13.43
N ALA B 197 24.75 -24.58 -12.36
CA ALA B 197 23.50 -24.41 -11.62
C ALA B 197 22.43 -23.84 -12.56
N LEU B 198 22.79 -22.81 -13.31
CA LEU B 198 21.88 -22.25 -14.31
C LEU B 198 21.38 -23.31 -15.29
N ASP B 199 22.28 -24.18 -15.75
CA ASP B 199 21.92 -25.25 -16.67
C ASP B 199 20.95 -26.25 -16.05
N HIS B 200 21.16 -26.55 -14.77
CA HIS B 200 20.31 -27.52 -14.09
C HIS B 200 18.85 -27.02 -13.96
N ILE B 201 18.67 -25.79 -13.50
CA ILE B 201 17.32 -25.26 -13.33
C ILE B 201 16.63 -25.05 -14.67
N THR B 202 17.43 -24.74 -15.68
CA THR B 202 16.90 -24.53 -17.03
C THR B 202 16.23 -25.78 -17.58
N THR B 203 16.55 -26.94 -17.02
CA THR B 203 15.89 -28.18 -17.43
C THR B 203 14.45 -28.21 -16.95
N LEU B 204 14.14 -27.38 -15.97
CA LEU B 204 12.80 -27.36 -15.37
C LEU B 204 11.84 -26.47 -16.14
N LEU B 205 12.38 -25.69 -17.08
CA LEU B 205 11.59 -24.72 -17.83
C LEU B 205 11.25 -25.24 -19.22
N ARG B 206 9.98 -25.19 -19.60
CA ARG B 206 9.60 -25.60 -20.95
C ARG B 206 10.26 -24.67 -21.96
N PRO B 207 10.46 -25.16 -23.20
CA PRO B 207 10.99 -24.34 -24.29
C PRO B 207 10.00 -23.23 -24.64
N GLY B 208 10.51 -22.02 -24.81
CA GLY B 208 9.64 -20.87 -25.03
C GLY B 208 9.24 -20.23 -23.71
N GLY B 209 9.55 -20.91 -22.60
CA GLY B 209 9.27 -20.40 -21.27
C GLY B 209 10.16 -19.23 -20.89
N HIS B 210 9.84 -18.59 -19.77
CA HIS B 210 10.55 -17.40 -19.34
C HIS B 210 11.18 -17.57 -17.97
N LEU B 211 12.35 -16.96 -17.81
CA LEU B 211 13.04 -16.97 -16.54
C LEU B 211 13.22 -15.53 -16.09
N LEU B 212 12.90 -15.25 -14.83
CA LEU B 212 13.15 -13.94 -14.28
C LEU B 212 14.22 -14.12 -13.22
N LEU B 213 15.34 -13.45 -13.41
CA LEU B 213 16.50 -13.71 -12.58
C LEU B 213 17.02 -12.42 -11.98
N ILE B 214 17.14 -12.40 -10.65
CA ILE B 214 17.62 -11.24 -9.93
C ILE B 214 18.80 -11.66 -9.08
N GLY B 215 19.84 -10.85 -9.00
CA GLY B 215 20.93 -11.20 -8.11
C GLY B 215 21.96 -10.12 -7.84
N ALA B 216 22.84 -10.40 -6.89
CA ALA B 216 23.92 -9.49 -6.53
C ALA B 216 25.02 -9.43 -7.58
N LEU B 217 25.56 -8.23 -7.82
CA LEU B 217 26.69 -8.03 -8.72
C LEU B 217 27.97 -7.73 -7.95
N GLU B 218 29.05 -8.40 -8.34
CA GLU B 218 30.36 -8.19 -7.73
C GLU B 218 30.34 -8.32 -6.22
N GLU B 219 29.65 -9.35 -5.74
CA GLU B 219 29.56 -9.62 -4.31
C GLU B 219 30.38 -10.86 -3.96
N SER B 220 31.06 -10.81 -2.82
CA SER B 220 31.88 -11.94 -2.40
C SER B 220 31.45 -12.53 -1.05
N TRP B 221 30.63 -11.79 -0.30
CA TRP B 221 30.13 -12.30 0.98
C TRP B 221 28.88 -11.56 1.44
N TYR B 222 28.10 -12.22 2.29
CA TYR B 222 26.99 -11.59 2.98
C TYR B 222 26.74 -12.29 4.31
N LEU B 223 26.10 -11.60 5.23
CA LEU B 223 25.84 -12.15 6.57
C LEU B 223 24.42 -12.65 6.74
N ALA B 224 24.27 -13.73 7.51
CA ALA B 224 22.98 -14.32 7.80
C ALA B 224 22.93 -14.77 9.27
N GLY B 225 23.24 -13.84 10.16
CA GLY B 225 23.36 -14.15 11.58
C GLY B 225 24.82 -14.42 11.90
N GLU B 226 25.10 -15.62 12.41
CA GLU B 226 26.46 -16.05 12.63
C GLU B 226 27.13 -16.27 11.28
N ALA B 227 26.42 -16.97 10.40
CA ALA B 227 26.93 -17.34 9.09
C ALA B 227 27.36 -16.14 8.24
N ARG B 228 28.64 -16.11 7.88
CA ARG B 228 29.13 -15.20 6.85
C ARG B 228 29.41 -16.01 5.59
N LEU B 229 28.48 -15.97 4.65
CA LEU B 229 28.54 -16.86 3.50
C LEU B 229 29.28 -16.27 2.31
N THR B 230 29.79 -17.16 1.46
CA THR B 230 30.63 -16.77 0.34
C THR B 230 29.84 -16.70 -0.96
N VAL B 231 30.08 -15.63 -1.72
CA VAL B 231 29.37 -15.40 -2.96
C VAL B 231 30.38 -15.24 -4.10
N VAL B 232 30.08 -15.82 -5.26
CA VAL B 232 30.90 -15.62 -6.43
C VAL B 232 30.59 -14.25 -7.03
N PRO B 233 31.57 -13.33 -6.99
CA PRO B 233 31.31 -12.03 -7.61
C PRO B 233 31.15 -12.19 -9.12
N VAL B 234 30.00 -11.75 -9.63
CA VAL B 234 29.74 -11.80 -11.07
C VAL B 234 29.44 -10.41 -11.61
N SER B 235 29.58 -10.28 -12.92
CA SER B 235 29.35 -9.01 -13.59
C SER B 235 28.12 -9.18 -14.46
N GLU B 236 27.62 -8.06 -14.98
CA GLU B 236 26.50 -8.10 -15.91
C GLU B 236 26.82 -8.96 -17.10
N GLU B 237 27.99 -8.74 -17.67
CA GLU B 237 28.36 -9.43 -18.89
C GLU B 237 28.52 -10.93 -18.66
N GLU B 238 29.07 -11.30 -17.51
CA GLU B 238 29.12 -12.72 -17.13
C GLU B 238 27.71 -13.31 -16.99
N VAL B 239 26.79 -12.56 -16.41
CA VAL B 239 25.41 -13.03 -16.30
C VAL B 239 24.83 -13.21 -17.68
N ARG B 240 25.05 -12.23 -18.55
CA ARG B 240 24.53 -12.31 -19.91
C ARG B 240 25.07 -13.55 -20.62
N GLU B 241 26.38 -13.74 -20.57
CA GLU B 241 26.99 -14.88 -21.26
C GLU B 241 26.45 -16.21 -20.74
N ALA B 242 26.28 -16.32 -19.43
CA ALA B 242 25.76 -17.56 -18.83
C ALA B 242 24.38 -17.90 -19.36
N LEU B 243 23.55 -16.87 -19.54
CA LEU B 243 22.18 -17.05 -20.00
C LEU B 243 22.18 -17.51 -21.45
N VAL B 244 22.99 -16.85 -22.27
CA VAL B 244 23.16 -17.27 -23.66
C VAL B 244 23.65 -18.72 -23.68
N ARG B 245 24.66 -19.00 -22.86
CA ARG B 245 25.23 -20.35 -22.80
C ARG B 245 24.17 -21.39 -22.47
N SER B 246 23.19 -21.02 -21.65
CA SER B 246 22.19 -21.99 -21.22
C SER B 246 21.04 -22.14 -22.22
N GLY B 247 21.07 -21.32 -23.28
CA GLY B 247 20.06 -21.42 -24.33
C GLY B 247 18.92 -20.43 -24.17
N TYR B 248 19.25 -19.23 -23.67
CA TYR B 248 18.25 -18.19 -23.47
C TYR B 248 18.44 -17.04 -24.44
N LYS B 249 17.35 -16.49 -24.94
CA LYS B 249 17.43 -15.15 -25.50
C LYS B 249 17.26 -14.17 -24.33
N VAL B 250 18.14 -13.19 -24.25
CA VAL B 250 18.04 -12.18 -23.20
C VAL B 250 17.11 -11.07 -23.68
N ARG B 251 15.94 -10.98 -23.04
CA ARG B 251 14.95 -9.97 -23.41
C ARG B 251 15.23 -8.65 -22.72
N ASP B 252 15.77 -8.74 -21.51
CA ASP B 252 16.03 -7.56 -20.71
C ASP B 252 17.06 -7.90 -19.65
N LEU B 253 18.00 -7.00 -19.44
CA LEU B 253 19.00 -7.16 -18.39
C LEU B 253 19.33 -5.76 -17.88
N ARG B 254 18.94 -5.47 -16.64
CA ARG B 254 19.20 -4.14 -16.13
C ARG B 254 19.94 -4.17 -14.80
N THR B 255 20.67 -3.09 -14.53
CA THR B 255 21.53 -3.00 -13.37
C THR B 255 21.12 -1.88 -12.44
N TYR B 256 21.12 -2.18 -11.14
CA TYR B 256 20.91 -1.16 -10.12
C TYR B 256 22.20 -1.00 -9.33
N ILE B 257 22.72 0.22 -9.26
CA ILE B 257 23.94 0.47 -8.51
C ILE B 257 23.65 0.83 -7.05
N MET B 258 24.08 -0.03 -6.14
CA MET B 258 23.82 0.18 -4.72
C MET B 258 24.44 1.47 -4.20
N PRO B 259 23.58 2.41 -3.74
CA PRO B 259 24.02 3.68 -3.18
C PRO B 259 24.78 3.50 -1.87
N ALA B 260 25.72 4.39 -1.59
CA ALA B 260 26.62 4.25 -0.45
C ALA B 260 25.88 3.95 0.86
N HIS B 261 24.75 4.62 1.05
CA HIS B 261 24.02 4.51 2.31
C HIS B 261 23.23 3.22 2.43
N LEU B 262 23.05 2.51 1.31
CA LEU B 262 22.46 1.19 1.37
C LEU B 262 23.53 0.11 1.55
N GLN B 263 24.79 0.52 1.47
CA GLN B 263 25.90 -0.37 1.77
C GLN B 263 26.21 -0.36 3.27
N THR B 264 25.64 -1.34 3.97
CA THR B 264 25.55 -1.31 5.43
C THR B 264 26.42 -2.32 6.15
N GLY B 265 27.18 -3.13 5.41
CA GLY B 265 28.07 -4.09 6.03
C GLY B 265 27.42 -5.43 6.32
N VAL B 266 26.22 -5.62 5.77
CA VAL B 266 25.60 -6.94 5.80
C VAL B 266 26.12 -7.74 4.61
N ASP B 267 26.77 -7.03 3.68
CA ASP B 267 27.42 -7.67 2.54
C ASP B 267 28.37 -6.69 1.85
N ASP B 268 28.91 -7.09 0.71
CA ASP B 268 29.76 -6.20 -0.07
C ASP B 268 29.22 -6.08 -1.49
N VAL B 269 27.91 -6.19 -1.63
CA VAL B 269 27.25 -6.06 -2.92
C VAL B 269 27.54 -4.68 -3.50
N LYS B 270 27.70 -4.62 -4.82
CA LYS B 270 27.99 -3.36 -5.51
C LYS B 270 26.79 -2.92 -6.34
N GLY B 271 25.96 -3.89 -6.73
CA GLY B 271 24.78 -3.61 -7.52
C GLY B 271 23.87 -4.83 -7.56
N VAL B 272 22.73 -4.68 -8.21
CA VAL B 272 21.79 -5.78 -8.37
C VAL B 272 21.43 -5.84 -9.83
N PHE B 273 21.28 -7.04 -10.38
CA PHE B 273 20.88 -7.18 -11.76
C PHE B 273 19.50 -7.82 -11.78
N PHE B 274 18.75 -7.51 -12.82
CA PHE B 274 17.48 -8.16 -13.08
C PHE B 274 17.50 -8.62 -14.52
N ALA B 275 17.23 -9.90 -14.73
CA ALA B 275 17.26 -10.43 -16.09
C ALA B 275 15.94 -11.06 -16.49
N TRP B 276 15.46 -10.69 -17.66
CA TRP B 276 14.33 -11.37 -18.27
C TRP B 276 14.83 -12.18 -19.45
N ALA B 277 14.77 -13.50 -19.34
CA ALA B 277 15.28 -14.38 -20.37
C ALA B 277 14.25 -15.40 -20.82
N GLN B 278 14.19 -15.64 -22.12
CA GLN B 278 13.25 -16.62 -22.67
C GLN B 278 14.00 -17.82 -23.22
N LYS B 279 13.64 -19.01 -22.74
CA LYS B 279 14.31 -20.23 -23.16
C LYS B 279 14.00 -20.58 -24.60
N VAL B 280 15.03 -20.61 -25.44
CA VAL B 280 14.89 -20.93 -26.85
C VAL B 280 14.23 -22.29 -27.07
N GLY B 281 13.17 -22.31 -27.88
CA GLY B 281 12.46 -23.53 -28.18
C GLY B 281 11.96 -23.59 -29.62
#